data_2N5K
#
_entry.id   2N5K
#
loop_
_entity.id
_entity.type
_entity.pdbx_description
1 polymer 'Ribonuclease ZC3H12A'
2 non-polymer 'ZINC ION'
#
_entity_poly.entity_id   1
_entity_poly.type   'polypeptide(L)'
_entity_poly.pdbx_seq_one_letter_code
;SEHRKQPCPYGKKCTYGIKCRFFHPERPS
;
_entity_poly.pdbx_strand_id   A
#
loop_
_chem_comp.id
_chem_comp.type
_chem_comp.name
_chem_comp.formula
ZN non-polymer 'ZINC ION' 'Zn 2'
#
# COMPACT_ATOMS: atom_id res chain seq x y z
N SER A 1 9.39 2.81 -10.06
CA SER A 1 8.89 3.89 -10.90
C SER A 1 7.47 4.27 -10.50
N GLU A 2 6.71 3.29 -10.01
CA GLU A 2 5.34 3.53 -9.59
C GLU A 2 5.23 3.52 -8.07
N HIS A 3 5.94 4.43 -7.42
CA HIS A 3 5.92 4.52 -5.97
C HIS A 3 4.57 5.03 -5.47
N ARG A 4 3.98 5.96 -6.20
CA ARG A 4 2.68 6.53 -5.83
C ARG A 4 1.64 6.20 -6.89
N LYS A 5 2.09 6.00 -8.13
CA LYS A 5 1.19 5.69 -9.22
C LYS A 5 0.28 4.51 -8.87
N GLN A 6 0.90 3.34 -8.67
CA GLN A 6 0.14 2.14 -8.34
C GLN A 6 0.02 1.98 -6.82
N PRO A 7 -0.96 1.18 -6.39
CA PRO A 7 -1.20 0.93 -4.96
C PRO A 7 -0.09 0.09 -4.32
N CYS A 8 -0.30 -0.31 -3.08
CA CYS A 8 0.68 -1.12 -2.35
C CYS A 8 1.08 -2.34 -3.17
N PRO A 9 2.24 -2.91 -2.84
CA PRO A 9 2.77 -4.10 -3.53
C PRO A 9 1.96 -5.35 -3.23
N TYR A 10 1.40 -5.41 -2.03
CA TYR A 10 0.60 -6.55 -1.61
C TYR A 10 -0.82 -6.14 -1.27
N GLY A 11 -0.95 -5.03 -0.54
CA GLY A 11 -2.26 -4.54 -0.16
C GLY A 11 -2.94 -5.43 0.86
N LYS A 12 -3.79 -6.32 0.38
CA LYS A 12 -4.51 -7.23 1.27
C LYS A 12 -3.57 -8.25 1.88
N LYS A 13 -2.55 -8.65 1.12
CA LYS A 13 -1.57 -9.62 1.60
C LYS A 13 -0.48 -8.94 2.43
N CYS A 14 -0.37 -7.62 2.26
CA CYS A 14 0.63 -6.85 2.99
C CYS A 14 0.54 -7.13 4.49
N THR A 15 1.70 -7.18 5.14
CA THR A 15 1.76 -7.44 6.58
C THR A 15 1.64 -6.14 7.37
N TYR A 16 2.16 -5.06 6.81
CA TYR A 16 2.13 -3.76 7.46
C TYR A 16 0.69 -3.32 7.71
N GLY A 17 -0.09 -3.23 6.63
CA GLY A 17 -1.47 -2.82 6.75
C GLY A 17 -1.62 -1.35 7.05
N ILE A 18 -1.42 -0.98 8.30
CA ILE A 18 -1.53 0.41 8.72
C ILE A 18 -0.16 1.08 8.78
N LYS A 19 0.88 0.27 8.90
CA LYS A 19 2.25 0.77 8.97
C LYS A 19 2.95 0.63 7.62
N CYS A 20 2.17 0.73 6.55
CA CYS A 20 2.71 0.62 5.20
C CYS A 20 3.09 1.99 4.65
N ARG A 21 4.17 2.04 3.87
CA ARG A 21 4.63 3.29 3.29
C ARG A 21 3.87 3.60 2.00
N PHE A 22 3.46 2.56 1.29
CA PHE A 22 2.72 2.72 0.04
C PHE A 22 1.24 3.03 0.32
N PHE A 23 0.51 3.33 -0.74
CA PHE A 23 -0.91 3.65 -0.61
C PHE A 23 -1.76 2.38 -0.73
N HIS A 24 -2.60 2.14 0.28
CA HIS A 24 -3.46 0.97 0.29
C HIS A 24 -4.82 1.29 -0.31
N PRO A 25 -5.52 0.26 -0.81
CA PRO A 25 -6.84 0.41 -1.42
C PRO A 25 -7.91 0.76 -0.40
N GLU A 26 -7.77 0.23 0.81
CA GLU A 26 -8.73 0.50 1.87
C GLU A 26 -8.14 1.45 2.91
N ARG A 27 -6.82 1.44 3.04
CA ARG A 27 -6.13 2.30 3.99
C ARG A 27 -5.28 3.34 3.27
N PRO A 28 -4.94 4.42 3.98
CA PRO A 28 -4.12 5.50 3.43
C PRO A 28 -2.67 5.07 3.21
N SER A 29 -2.08 4.46 4.24
CA SER A 29 -0.70 4.00 4.16
C SER A 29 -0.35 3.12 5.36
ZN ZN B . 1.07 -2.34 2.19
N SER A 1 8.20 2.29 -12.68
CA SER A 1 8.14 3.73 -12.44
C SER A 1 6.78 4.13 -11.87
N GLU A 2 6.24 3.29 -10.99
CA GLU A 2 4.94 3.56 -10.38
C GLU A 2 5.04 3.45 -8.86
N HIS A 3 6.02 4.14 -8.28
CA HIS A 3 6.21 4.13 -6.84
C HIS A 3 5.21 5.05 -6.14
N ARG A 4 4.75 6.06 -6.87
CA ARG A 4 3.78 7.02 -6.33
C ARG A 4 2.52 7.08 -7.19
N LYS A 5 2.25 5.99 -7.90
CA LYS A 5 1.08 5.91 -8.77
C LYS A 5 0.21 4.71 -8.41
N GLN A 6 0.81 3.52 -8.45
CA GLN A 6 0.10 2.29 -8.14
C GLN A 6 -0.04 2.12 -6.63
N PRO A 7 -1.01 1.29 -6.22
CA PRO A 7 -1.26 1.01 -4.80
C PRO A 7 -0.15 0.19 -4.16
N CYS A 8 -0.38 -0.25 -2.92
CA CYS A 8 0.60 -1.03 -2.19
C CYS A 8 1.06 -2.22 -3.03
N PRO A 9 2.23 -2.78 -2.68
CA PRO A 9 2.81 -3.92 -3.39
C PRO A 9 2.04 -5.21 -3.14
N TYR A 10 1.45 -5.32 -1.95
CA TYR A 10 0.67 -6.50 -1.60
C TYR A 10 -0.78 -6.13 -1.30
N GLY A 11 -0.96 -5.04 -0.55
CA GLY A 11 -2.30 -4.60 -0.20
C GLY A 11 -2.99 -5.53 0.78
N LYS A 12 -3.80 -6.45 0.25
CA LYS A 12 -4.51 -7.40 1.08
C LYS A 12 -3.56 -8.41 1.71
N LYS A 13 -2.50 -8.76 0.96
CA LYS A 13 -1.51 -9.71 1.45
C LYS A 13 -0.48 -9.03 2.34
N CYS A 14 -0.37 -7.71 2.19
CA CYS A 14 0.57 -6.94 2.98
C CYS A 14 0.42 -7.23 4.47
N THR A 15 1.49 -7.02 5.23
CA THR A 15 1.47 -7.27 6.66
C THR A 15 1.40 -5.96 7.45
N TYR A 16 2.05 -4.92 6.92
CA TYR A 16 2.07 -3.62 7.57
C TYR A 16 0.65 -3.10 7.76
N GLY A 17 -0.09 -2.97 6.66
CA GLY A 17 -1.45 -2.49 6.73
C GLY A 17 -1.52 -0.99 7.00
N ILE A 18 -1.29 -0.60 8.25
CA ILE A 18 -1.32 0.81 8.62
C ILE A 18 0.08 1.40 8.66
N LYS A 19 1.08 0.55 8.90
CA LYS A 19 2.46 0.99 8.94
C LYS A 19 3.16 0.74 7.61
N CYS A 20 2.38 0.67 6.54
CA CYS A 20 2.92 0.44 5.21
C CYS A 20 3.46 1.73 4.60
N ARG A 21 4.45 1.60 3.73
CA ARG A 21 5.06 2.76 3.08
C ARG A 21 4.42 3.01 1.71
N PHE A 22 3.17 2.62 1.56
CA PHE A 22 2.46 2.79 0.30
C PHE A 22 0.98 3.06 0.56
N PHE A 23 0.24 3.32 -0.52
CA PHE A 23 -1.19 3.60 -0.42
C PHE A 23 -2.01 2.32 -0.58
N HIS A 24 -2.84 2.02 0.41
CA HIS A 24 -3.68 0.84 0.37
C HIS A 24 -5.04 1.14 -0.24
N PRO A 25 -5.69 0.10 -0.79
CA PRO A 25 -7.01 0.24 -1.42
C PRO A 25 -8.11 0.53 -0.41
N GLU A 26 -7.97 -0.03 0.78
CA GLU A 26 -8.96 0.18 1.84
C GLU A 26 -8.42 1.13 2.91
N ARG A 27 -7.10 1.16 3.06
CA ARG A 27 -6.46 2.01 4.05
C ARG A 27 -5.61 3.09 3.38
N PRO A 28 -5.34 4.17 4.12
CA PRO A 28 -4.54 5.29 3.61
C PRO A 28 -3.07 4.91 3.43
N SER A 29 -2.23 5.92 3.17
CA SER A 29 -0.81 5.70 2.97
C SER A 29 -0.21 4.89 4.12
ZN ZN B . 0.87 -2.44 2.27
N SER A 1 9.19 2.92 -9.72
CA SER A 1 8.63 3.49 -10.94
C SER A 1 7.17 3.88 -10.72
N GLU A 2 6.51 3.22 -9.78
CA GLU A 2 5.12 3.51 -9.48
C GLU A 2 4.91 3.64 -7.97
N HIS A 3 5.80 4.36 -7.31
CA HIS A 3 5.71 4.57 -5.87
C HIS A 3 4.32 5.07 -5.48
N ARG A 4 3.80 6.00 -6.27
CA ARG A 4 2.48 6.57 -6.01
C ARG A 4 1.51 6.22 -7.13
N LYS A 5 2.04 5.99 -8.31
CA LYS A 5 1.21 5.65 -9.47
C LYS A 5 0.33 4.45 -9.18
N GLN A 6 0.92 3.44 -8.53
CA GLN A 6 0.19 2.23 -8.19
C GLN A 6 0.06 2.09 -6.67
N PRO A 7 -0.92 1.27 -6.24
CA PRO A 7 -1.17 1.02 -4.82
C PRO A 7 -0.07 0.20 -4.17
N CYS A 8 -0.31 -0.23 -2.94
CA CYS A 8 0.67 -1.03 -2.20
C CYS A 8 1.13 -2.23 -3.03
N PRO A 9 2.29 -2.79 -2.68
CA PRO A 9 2.86 -3.95 -3.37
C PRO A 9 2.06 -5.22 -3.12
N TYR A 10 1.45 -5.32 -1.94
CA TYR A 10 0.66 -6.49 -1.58
C TYR A 10 -0.79 -6.10 -1.29
N GLY A 11 -0.96 -5.01 -0.55
CA GLY A 11 -2.30 -4.54 -0.22
C GLY A 11 -3.00 -5.46 0.76
N LYS A 12 -3.76 -6.42 0.23
CA LYS A 12 -4.49 -7.37 1.06
C LYS A 12 -3.54 -8.35 1.72
N LYS A 13 -2.47 -8.72 1.01
CA LYS A 13 -1.48 -9.65 1.53
C LYS A 13 -0.48 -8.94 2.43
N CYS A 14 -0.36 -7.63 2.25
CA CYS A 14 0.57 -6.83 3.05
C CYS A 14 0.36 -7.09 4.54
N THR A 15 1.46 -7.21 5.27
CA THR A 15 1.41 -7.45 6.71
C THR A 15 1.40 -6.14 7.49
N TYR A 16 2.01 -5.12 6.92
CA TYR A 16 2.08 -3.81 7.56
C TYR A 16 0.68 -3.25 7.80
N GLY A 17 -0.08 -3.11 6.72
CA GLY A 17 -1.43 -2.58 6.83
C GLY A 17 -1.45 -1.09 7.10
N ILE A 18 -1.20 -0.72 8.36
CA ILE A 18 -1.19 0.69 8.74
C ILE A 18 0.23 1.24 8.78
N LYS A 19 1.20 0.35 8.94
CA LYS A 19 2.60 0.75 8.98
C LYS A 19 3.28 0.51 7.63
N CYS A 20 2.49 0.61 6.56
CA CYS A 20 3.01 0.41 5.21
C CYS A 20 3.54 1.71 4.63
N ARG A 21 4.55 1.61 3.78
CA ARG A 21 5.15 2.78 3.16
C ARG A 21 4.54 3.03 1.78
N PHE A 22 3.29 2.63 1.60
CA PHE A 22 2.60 2.80 0.33
C PHE A 22 1.12 3.09 0.55
N PHE A 23 0.41 3.39 -0.54
CA PHE A 23 -1.01 3.70 -0.47
C PHE A 23 -1.84 2.43 -0.66
N HIS A 24 -2.70 2.15 0.32
CA HIS A 24 -3.56 0.96 0.26
C HIS A 24 -4.89 1.30 -0.41
N PRO A 25 -5.54 0.27 -0.96
CA PRO A 25 -6.84 0.43 -1.63
C PRO A 25 -7.96 0.74 -0.66
N GLU A 26 -7.87 0.20 0.55
CA GLU A 26 -8.89 0.43 1.57
C GLU A 26 -8.36 1.37 2.66
N ARG A 27 -7.05 1.37 2.84
CA ARG A 27 -6.43 2.22 3.85
C ARG A 27 -5.54 3.28 3.19
N PRO A 28 -5.26 4.37 3.93
CA PRO A 28 -4.42 5.46 3.44
C PRO A 28 -2.95 5.06 3.31
N SER A 29 -2.10 6.04 3.07
CA SER A 29 -0.67 5.79 2.93
C SER A 29 -0.13 5.01 4.13
ZN ZN B . 0.93 -2.30 2.35
N SER A 1 9.05 2.55 -10.70
CA SER A 1 8.24 1.40 -10.35
C SER A 1 6.92 1.84 -9.73
N GLU A 2 6.35 2.93 -10.25
CA GLU A 2 5.08 3.44 -9.74
C GLU A 2 5.16 3.70 -8.24
N HIS A 3 6.04 4.62 -7.84
CA HIS A 3 6.21 4.95 -6.43
C HIS A 3 4.92 5.51 -5.85
N ARG A 4 4.26 6.38 -6.60
CA ARG A 4 3.00 6.99 -6.15
C ARG A 4 1.95 6.92 -7.25
N LYS A 5 2.06 5.92 -8.12
CA LYS A 5 1.12 5.75 -9.21
C LYS A 5 0.24 4.53 -8.98
N GLN A 6 0.82 3.50 -8.37
CA GLN A 6 0.08 2.27 -8.09
C GLN A 6 -0.04 2.04 -6.59
N PRO A 7 -1.01 1.20 -6.19
CA PRO A 7 -1.24 0.87 -4.78
C PRO A 7 -0.13 0.03 -4.18
N CYS A 8 -0.31 -0.40 -2.94
CA CYS A 8 0.68 -1.22 -2.25
C CYS A 8 1.07 -2.42 -3.09
N PRO A 9 2.24 -3.01 -2.79
CA PRO A 9 2.76 -4.17 -3.52
C PRO A 9 1.94 -5.44 -3.22
N TYR A 10 1.39 -5.52 -2.02
CA TYR A 10 0.60 -6.67 -1.62
C TYR A 10 -0.82 -6.26 -1.26
N GLY A 11 -0.94 -5.17 -0.51
CA GLY A 11 -2.24 -4.67 -0.11
C GLY A 11 -2.94 -5.60 0.87
N LYS A 12 -3.89 -6.39 0.36
CA LYS A 12 -4.62 -7.33 1.20
C LYS A 12 -3.69 -8.38 1.81
N LYS A 13 -2.65 -8.73 1.06
CA LYS A 13 -1.68 -9.71 1.52
C LYS A 13 -0.60 -9.06 2.37
N CYS A 14 -0.45 -7.75 2.23
CA CYS A 14 0.55 -7.00 2.98
C CYS A 14 0.43 -7.30 4.48
N THR A 15 1.53 -7.10 5.20
CA THR A 15 1.55 -7.35 6.64
C THR A 15 1.51 -6.04 7.42
N TYR A 16 2.11 -5.00 6.85
CA TYR A 16 2.14 -3.69 7.50
C TYR A 16 0.73 -3.19 7.80
N GLY A 17 -0.08 -3.09 6.75
CA GLY A 17 -1.45 -2.62 6.92
C GLY A 17 -1.52 -1.14 7.23
N ILE A 18 -1.31 -0.80 8.49
CA ILE A 18 -1.36 0.59 8.92
C ILE A 18 0.01 1.26 8.79
N LYS A 19 1.06 0.45 8.91
CA LYS A 19 2.43 0.96 8.80
C LYS A 19 3.00 0.70 7.40
N CYS A 20 2.12 0.71 6.40
CA CYS A 20 2.52 0.49 5.02
C CYS A 20 2.89 1.81 4.34
N ARG A 21 4.17 1.96 4.03
CA ARG A 21 4.65 3.17 3.37
C ARG A 21 3.84 3.48 2.11
N PHE A 22 3.53 2.44 1.35
CA PHE A 22 2.75 2.59 0.12
C PHE A 22 1.30 2.90 0.44
N PHE A 23 0.53 3.23 -0.60
CA PHE A 23 -0.88 3.55 -0.44
C PHE A 23 -1.74 2.30 -0.60
N HIS A 24 -2.58 2.02 0.40
CA HIS A 24 -3.46 0.85 0.36
C HIS A 24 -4.79 1.20 -0.30
N PRO A 25 -5.46 0.17 -0.83
CA PRO A 25 -6.77 0.34 -1.49
C PRO A 25 -7.88 0.70 -0.51
N GLU A 26 -7.77 0.16 0.71
CA GLU A 26 -8.78 0.42 1.73
C GLU A 26 -8.23 1.36 2.81
N ARG A 27 -6.91 1.36 2.98
CA ARG A 27 -6.26 2.21 3.96
C ARG A 27 -5.36 3.24 3.27
N PRO A 28 -5.05 4.33 3.99
CA PRO A 28 -4.20 5.40 3.47
C PRO A 28 -2.75 4.97 3.35
N SER A 29 -1.86 5.93 3.09
CA SER A 29 -0.44 5.65 2.94
C SER A 29 0.09 4.89 4.15
ZN ZN B . 0.80 -2.65 2.14
N SER A 1 9.09 2.51 -10.66
CA SER A 1 8.97 3.94 -10.37
C SER A 1 7.52 4.32 -10.08
N GLU A 2 6.78 3.38 -9.50
CA GLU A 2 5.38 3.61 -9.17
C GLU A 2 5.18 3.67 -7.66
N HIS A 3 5.94 4.54 -7.00
CA HIS A 3 5.84 4.70 -5.56
C HIS A 3 4.44 5.13 -5.14
N ARG A 4 3.88 6.09 -5.89
CA ARG A 4 2.54 6.59 -5.60
C ARG A 4 1.58 6.27 -6.74
N LYS A 5 2.13 6.11 -7.93
CA LYS A 5 1.32 5.81 -9.12
C LYS A 5 0.44 4.59 -8.86
N GLN A 6 1.06 3.48 -8.49
CA GLN A 6 0.32 2.25 -8.21
C GLN A 6 0.13 2.05 -6.71
N PRO A 7 -0.85 1.22 -6.35
CA PRO A 7 -1.17 0.92 -4.95
C PRO A 7 -0.08 0.09 -4.28
N CYS A 8 -0.34 -0.31 -3.03
CA CYS A 8 0.63 -1.11 -2.28
C CYS A 8 1.06 -2.33 -3.09
N PRO A 9 2.22 -2.90 -2.72
CA PRO A 9 2.77 -4.07 -3.39
C PRO A 9 1.96 -5.34 -3.12
N TYR A 10 1.38 -5.42 -1.92
CA TYR A 10 0.57 -6.57 -1.55
C TYR A 10 -0.86 -6.16 -1.24
N GLY A 11 -1.01 -5.06 -0.50
CA GLY A 11 -2.33 -4.57 -0.14
C GLY A 11 -3.03 -5.47 0.86
N LYS A 12 -3.84 -6.39 0.36
CA LYS A 12 -4.57 -7.32 1.22
C LYS A 12 -3.62 -8.31 1.88
N LYS A 13 -2.58 -8.69 1.15
CA LYS A 13 -1.59 -9.64 1.66
C LYS A 13 -0.54 -8.92 2.50
N CYS A 14 -0.42 -7.62 2.31
CA CYS A 14 0.55 -6.82 3.05
C CYS A 14 0.43 -7.06 4.55
N THR A 15 1.56 -7.19 5.23
CA THR A 15 1.57 -7.42 6.67
C THR A 15 1.57 -6.12 7.44
N TYR A 16 2.14 -5.07 6.84
CA TYR A 16 2.21 -3.76 7.47
C TYR A 16 0.81 -3.22 7.74
N GLY A 17 0.02 -3.10 6.68
CA GLY A 17 -1.34 -2.60 6.83
C GLY A 17 -1.38 -1.10 7.09
N ILE A 18 -1.10 -0.72 8.33
CA ILE A 18 -1.11 0.69 8.71
C ILE A 18 0.32 1.26 8.69
N LYS A 19 1.31 0.40 8.84
CA LYS A 19 2.70 0.82 8.84
C LYS A 19 3.33 0.58 7.47
N CYS A 20 2.52 0.64 6.42
CA CYS A 20 3.00 0.43 5.07
C CYS A 20 3.50 1.74 4.46
N ARG A 21 4.51 1.64 3.60
CA ARG A 21 5.08 2.82 2.95
C ARG A 21 4.46 3.03 1.57
N PHE A 22 3.21 2.61 1.41
CA PHE A 22 2.51 2.74 0.14
C PHE A 22 1.04 3.04 0.36
N PHE A 23 0.33 3.32 -0.73
CA PHE A 23 -1.11 3.63 -0.65
C PHE A 23 -1.94 2.35 -0.78
N HIS A 24 -2.78 2.11 0.21
CA HIS A 24 -3.64 0.92 0.22
C HIS A 24 -4.99 1.22 -0.44
N PRO A 25 -5.65 0.18 -0.95
CA PRO A 25 -6.95 0.30 -1.60
C PRO A 25 -8.06 0.66 -0.62
N GLU A 26 -7.95 0.15 0.61
CA GLU A 26 -8.94 0.41 1.63
C GLU A 26 -8.40 1.39 2.68
N ARG A 27 -7.09 1.40 2.83
CA ARG A 27 -6.45 2.30 3.80
C ARG A 27 -5.57 3.32 3.08
N PRO A 28 -5.28 4.44 3.78
CA PRO A 28 -4.46 5.52 3.24
C PRO A 28 -3.00 5.11 3.10
N SER A 29 -2.45 4.51 4.15
CA SER A 29 -1.06 4.08 4.15
C SER A 29 -0.77 3.13 5.31
ZN ZN B . 0.86 -2.31 2.30
N SER A 1 9.05 4.54 -13.17
CA SER A 1 8.74 3.98 -11.86
C SER A 1 7.34 4.39 -11.40
N GLU A 2 6.66 3.47 -10.72
CA GLU A 2 5.31 3.74 -10.22
C GLU A 2 5.26 3.64 -8.70
N HIS A 3 6.11 4.42 -8.04
CA HIS A 3 6.17 4.42 -6.59
C HIS A 3 4.99 5.19 -6.00
N ARG A 4 4.45 6.13 -6.77
CA ARG A 4 3.32 6.93 -6.33
C ARG A 4 2.21 6.94 -7.38
N LYS A 5 2.20 5.92 -8.22
CA LYS A 5 1.19 5.80 -9.28
C LYS A 5 0.31 4.59 -9.06
N GLN A 6 0.87 3.55 -8.44
CA GLN A 6 0.12 2.34 -8.16
C GLN A 6 -0.02 2.10 -6.66
N PRO A 7 -0.99 1.27 -6.28
CA PRO A 7 -1.26 0.95 -4.88
C PRO A 7 -0.15 0.10 -4.26
N CYS A 8 -0.35 -0.31 -3.01
CA CYS A 8 0.63 -1.13 -2.31
C CYS A 8 1.01 -2.35 -3.14
N PRO A 9 2.19 -2.93 -2.83
CA PRO A 9 2.69 -4.11 -3.54
C PRO A 9 1.88 -5.36 -3.25
N TYR A 10 1.35 -5.44 -2.03
CA TYR A 10 0.56 -6.59 -1.61
C TYR A 10 -0.86 -6.17 -1.23
N GLY A 11 -0.96 -5.07 -0.49
CA GLY A 11 -2.26 -4.58 -0.07
C GLY A 11 -2.92 -5.48 0.96
N LYS A 12 -3.80 -6.37 0.49
CA LYS A 12 -4.50 -7.29 1.38
C LYS A 12 -3.54 -8.31 1.98
N LYS A 13 -2.54 -8.69 1.20
CA LYS A 13 -1.55 -9.66 1.64
C LYS A 13 -0.44 -8.98 2.44
N CYS A 14 -0.32 -7.67 2.28
CA CYS A 14 0.70 -6.90 2.98
C CYS A 14 0.64 -7.18 4.49
N THR A 15 1.80 -7.16 5.13
CA THR A 15 1.89 -7.41 6.56
C THR A 15 1.67 -6.13 7.35
N TYR A 16 2.26 -5.03 6.88
CA TYR A 16 2.14 -3.75 7.54
C TYR A 16 0.67 -3.35 7.71
N GLY A 17 -0.05 -3.28 6.59
CA GLY A 17 -1.46 -2.93 6.62
C GLY A 17 -1.67 -1.45 6.93
N ILE A 18 -1.57 -1.10 8.20
CA ILE A 18 -1.75 0.28 8.64
C ILE A 18 -0.42 1.02 8.69
N LYS A 19 0.66 0.27 8.91
CA LYS A 19 2.00 0.85 8.99
C LYS A 19 2.73 0.70 7.67
N CYS A 20 1.98 0.72 6.57
CA CYS A 20 2.57 0.58 5.25
C CYS A 20 2.92 1.95 4.66
N ARG A 21 4.04 2.01 3.96
CA ARG A 21 4.50 3.26 3.35
C ARG A 21 3.70 3.56 2.08
N PHE A 22 3.42 2.52 1.30
CA PHE A 22 2.67 2.69 0.07
C PHE A 22 1.21 2.99 0.35
N PHE A 23 0.45 3.29 -0.71
CA PHE A 23 -0.97 3.61 -0.56
C PHE A 23 -1.82 2.34 -0.67
N HIS A 24 -2.61 2.08 0.37
CA HIS A 24 -3.48 0.91 0.40
C HIS A 24 -4.84 1.23 -0.20
N PRO A 25 -5.54 0.19 -0.68
CA PRO A 25 -6.87 0.33 -1.27
C PRO A 25 -7.93 0.69 -0.24
N GLU A 26 -7.77 0.17 0.97
CA GLU A 26 -8.72 0.44 2.04
C GLU A 26 -8.13 1.41 3.06
N ARG A 27 -6.81 1.42 3.18
CA ARG A 27 -6.12 2.30 4.11
C ARG A 27 -5.26 3.32 3.37
N PRO A 28 -4.94 4.43 4.06
CA PRO A 28 -4.12 5.50 3.47
C PRO A 28 -2.67 5.08 3.28
N SER A 29 -1.82 6.05 2.96
CA SER A 29 -0.40 5.78 2.73
C SER A 29 0.23 5.11 3.96
ZN ZN B . 1.04 -2.40 2.24
N SER A 1 9.23 2.95 -10.94
CA SER A 1 8.61 4.06 -11.65
C SER A 1 7.24 4.39 -11.07
N GLU A 2 6.57 3.36 -10.56
CA GLU A 2 5.24 3.54 -9.97
C GLU A 2 5.33 3.60 -8.45
N HIS A 3 6.30 4.36 -7.95
CA HIS A 3 6.49 4.49 -6.50
C HIS A 3 5.36 5.31 -5.88
N ARG A 4 4.77 6.20 -6.68
CA ARG A 4 3.68 7.05 -6.21
C ARG A 4 2.52 7.06 -7.21
N LYS A 5 2.39 5.97 -7.97
CA LYS A 5 1.33 5.85 -8.96
C LYS A 5 0.43 4.67 -8.64
N GLN A 6 1.02 3.48 -8.57
CA GLN A 6 0.26 2.27 -8.27
C GLN A 6 0.07 2.10 -6.77
N PRO A 7 -0.92 1.28 -6.38
CA PRO A 7 -1.22 1.01 -4.97
C PRO A 7 -0.15 0.18 -4.30
N CYS A 8 -0.40 -0.24 -3.06
CA CYS A 8 0.55 -1.05 -2.30
C CYS A 8 1.01 -2.25 -3.11
N PRO A 9 2.17 -2.80 -2.75
CA PRO A 9 2.74 -3.97 -3.44
C PRO A 9 1.94 -5.25 -3.17
N TYR A 10 1.37 -5.34 -1.98
CA TYR A 10 0.57 -6.51 -1.60
C TYR A 10 -0.86 -6.11 -1.28
N GLY A 11 -1.01 -5.03 -0.52
CA GLY A 11 -2.33 -4.56 -0.15
C GLY A 11 -3.02 -5.49 0.83
N LYS A 12 -3.82 -6.41 0.31
CA LYS A 12 -4.54 -7.37 1.15
C LYS A 12 -3.57 -8.37 1.78
N LYS A 13 -2.53 -8.73 1.04
CA LYS A 13 -1.54 -9.68 1.53
C LYS A 13 -0.51 -8.98 2.41
N CYS A 14 -0.40 -7.66 2.25
CA CYS A 14 0.55 -6.88 3.02
C CYS A 14 0.41 -7.15 4.52
N THR A 15 1.52 -7.09 5.23
CA THR A 15 1.51 -7.33 6.67
C THR A 15 1.51 -6.02 7.45
N TYR A 16 2.08 -4.98 6.86
CA TYR A 16 2.13 -3.67 7.51
C TYR A 16 0.73 -3.15 7.79
N GLY A 17 -0.07 -3.02 6.74
CA GLY A 17 -1.43 -2.54 6.89
C GLY A 17 -1.48 -1.05 7.16
N ILE A 18 -1.19 -0.66 8.39
CA ILE A 18 -1.20 0.75 8.78
C ILE A 18 0.20 1.34 8.75
N LYS A 19 1.21 0.48 8.90
CA LYS A 19 2.60 0.92 8.88
C LYS A 19 3.22 0.68 7.50
N CYS A 20 2.38 0.66 6.47
CA CYS A 20 2.85 0.44 5.11
C CYS A 20 3.36 1.74 4.51
N ARG A 21 4.37 1.64 3.63
CA ARG A 21 4.94 2.80 2.98
C ARG A 21 4.32 3.02 1.61
N PHE A 22 3.05 2.64 1.47
CA PHE A 22 2.34 2.79 0.20
C PHE A 22 0.86 3.04 0.44
N PHE A 23 0.13 3.31 -0.64
CA PHE A 23 -1.31 3.56 -0.56
C PHE A 23 -2.09 2.26 -0.64
N HIS A 24 -2.94 2.03 0.35
CA HIS A 24 -3.76 0.81 0.38
C HIS A 24 -5.14 1.07 -0.21
N PRO A 25 -5.79 0.00 -0.69
CA PRO A 25 -7.12 0.08 -1.29
C PRO A 25 -8.21 0.40 -0.26
N GLU A 26 -8.03 -0.10 0.96
CA GLU A 26 -8.99 0.13 2.03
C GLU A 26 -8.44 1.13 3.04
N ARG A 27 -7.12 1.17 3.15
CA ARG A 27 -6.46 2.09 4.10
C ARG A 27 -5.64 3.14 3.36
N PRO A 28 -5.36 4.26 4.03
CA PRO A 28 -4.59 5.36 3.46
C PRO A 28 -3.12 5.00 3.26
N SER A 29 -2.31 6.00 2.92
CA SER A 29 -0.89 5.78 2.70
C SER A 29 -0.06 6.32 3.86
ZN ZN B . 0.80 -2.43 2.16
N SER A 1 8.73 1.16 -12.97
CA SER A 1 8.46 1.19 -11.54
C SER A 1 7.40 2.24 -11.20
N GLU A 2 6.52 1.90 -10.27
CA GLU A 2 5.46 2.81 -9.85
C GLU A 2 5.62 3.21 -8.39
N HIS A 3 6.22 4.37 -8.16
CA HIS A 3 6.45 4.86 -6.80
C HIS A 3 5.17 5.48 -6.24
N ARG A 4 4.55 6.36 -7.02
CA ARG A 4 3.32 7.02 -6.59
C ARG A 4 2.27 6.96 -7.69
N LYS A 5 2.23 5.85 -8.41
CA LYS A 5 1.27 5.66 -9.50
C LYS A 5 0.38 4.46 -9.23
N GLN A 6 0.94 3.43 -8.60
CA GLN A 6 0.20 2.23 -8.28
C GLN A 6 0.05 2.05 -6.77
N PRO A 7 -0.93 1.24 -6.36
CA PRO A 7 -1.19 0.97 -4.94
C PRO A 7 -0.10 0.13 -4.30
N CYS A 8 -0.31 -0.28 -3.06
CA CYS A 8 0.66 -1.08 -2.33
C CYS A 8 1.07 -2.31 -3.15
N PRO A 9 2.24 -2.88 -2.81
CA PRO A 9 2.76 -4.06 -3.50
C PRO A 9 1.96 -5.31 -3.20
N TYR A 10 1.41 -5.38 -1.99
CA TYR A 10 0.62 -6.54 -1.57
C TYR A 10 -0.80 -6.12 -1.23
N GLY A 11 -0.93 -5.02 -0.49
CA GLY A 11 -2.24 -4.53 -0.10
C GLY A 11 -2.92 -5.43 0.91
N LYS A 12 -3.79 -6.31 0.43
CA LYS A 12 -4.51 -7.22 1.31
C LYS A 12 -3.56 -8.25 1.91
N LYS A 13 -2.55 -8.65 1.13
CA LYS A 13 -1.57 -9.63 1.59
C LYS A 13 -0.48 -8.96 2.43
N CYS A 14 -0.35 -7.64 2.27
CA CYS A 14 0.65 -6.89 3.01
C CYS A 14 0.56 -7.16 4.50
N THR A 15 1.70 -7.21 5.16
CA THR A 15 1.76 -7.48 6.60
C THR A 15 1.59 -6.19 7.40
N TYR A 16 2.15 -5.10 6.88
CA TYR A 16 2.06 -3.81 7.55
C TYR A 16 0.61 -3.40 7.77
N GLY A 17 -0.15 -3.33 6.68
CA GLY A 17 -1.55 -2.96 6.77
C GLY A 17 -1.73 -1.47 7.06
N ILE A 18 -1.55 -1.10 8.32
CA ILE A 18 -1.69 0.29 8.73
C ILE A 18 -0.34 1.00 8.78
N LYS A 19 0.73 0.23 8.96
CA LYS A 19 2.08 0.77 9.02
C LYS A 19 2.78 0.62 7.68
N CYS A 20 2.01 0.68 6.60
CA CYS A 20 2.56 0.55 5.26
C CYS A 20 2.93 1.91 4.69
N ARG A 21 4.04 1.97 3.96
CA ARG A 21 4.51 3.21 3.36
C ARG A 21 3.69 3.54 2.11
N PHE A 22 3.42 2.53 1.30
CA PHE A 22 2.65 2.72 0.07
C PHE A 22 1.18 3.00 0.38
N PHE A 23 0.41 3.30 -0.66
CA PHE A 23 -1.01 3.58 -0.49
C PHE A 23 -1.83 2.31 -0.58
N HIS A 24 -2.69 2.09 0.41
CA HIS A 24 -3.55 0.91 0.44
C HIS A 24 -4.93 1.22 -0.11
N PRO A 25 -5.62 0.18 -0.59
CA PRO A 25 -6.97 0.31 -1.17
C PRO A 25 -8.01 0.64 -0.11
N GLU A 26 -7.82 0.12 1.09
CA GLU A 26 -8.75 0.36 2.19
C GLU A 26 -8.15 1.32 3.21
N ARG A 27 -6.83 1.34 3.29
CA ARG A 27 -6.13 2.22 4.23
C ARG A 27 -5.32 3.28 3.48
N PRO A 28 -5.03 4.39 4.17
CA PRO A 28 -4.26 5.50 3.59
C PRO A 28 -2.79 5.13 3.37
N SER A 29 -2.00 6.13 3.00
CA SER A 29 -0.58 5.91 2.76
C SER A 29 0.09 5.28 3.97
ZN ZN B . 1.02 -2.43 2.13
N SER A 1 9.13 3.94 -12.05
CA SER A 1 8.89 4.25 -10.65
C SER A 1 7.41 4.52 -10.40
N GLU A 2 6.77 3.62 -9.65
CA GLU A 2 5.35 3.76 -9.34
C GLU A 2 5.13 3.78 -7.83
N HIS A 3 6.03 4.45 -7.12
CA HIS A 3 5.93 4.55 -5.67
C HIS A 3 4.57 5.11 -5.26
N ARG A 4 4.09 6.09 -6.01
CA ARG A 4 2.80 6.72 -5.72
C ARG A 4 1.82 6.47 -6.86
N LYS A 5 2.35 6.07 -8.01
CA LYS A 5 1.51 5.81 -9.18
C LYS A 5 0.60 4.61 -8.94
N GLN A 6 1.19 3.49 -8.53
CA GLN A 6 0.44 2.28 -8.27
C GLN A 6 0.22 2.08 -6.77
N PRO A 7 -0.78 1.27 -6.42
CA PRO A 7 -1.11 0.98 -5.03
C PRO A 7 -0.04 0.13 -4.33
N CYS A 8 -0.33 -0.27 -3.10
CA CYS A 8 0.60 -1.09 -2.33
C CYS A 8 1.06 -2.31 -3.13
N PRO A 9 2.22 -2.86 -2.75
CA PRO A 9 2.79 -4.03 -3.42
C PRO A 9 1.98 -5.30 -3.17
N TYR A 10 1.38 -5.40 -1.98
CA TYR A 10 0.58 -6.56 -1.63
C TYR A 10 -0.85 -6.15 -1.32
N GLY A 11 -1.01 -5.06 -0.57
CA GLY A 11 -2.33 -4.59 -0.21
C GLY A 11 -3.03 -5.48 0.79
N LYS A 12 -3.94 -6.33 0.30
CA LYS A 12 -4.68 -7.24 1.15
C LYS A 12 -3.75 -8.27 1.76
N LYS A 13 -2.74 -8.68 1.01
CA LYS A 13 -1.77 -9.66 1.48
C LYS A 13 -0.68 -9.00 2.32
N CYS A 14 -0.57 -7.69 2.20
CA CYS A 14 0.43 -6.94 2.95
C CYS A 14 0.34 -7.26 4.44
N THR A 15 1.43 -7.00 5.16
CA THR A 15 1.48 -7.26 6.59
C THR A 15 1.54 -5.96 7.39
N TYR A 16 2.13 -4.94 6.80
CA TYR A 16 2.24 -3.64 7.45
C TYR A 16 0.87 -3.08 7.81
N GLY A 17 0.02 -2.92 6.79
CA GLY A 17 -1.31 -2.40 7.01
C GLY A 17 -1.31 -0.92 7.32
N ILE A 18 -0.96 -0.56 8.54
CA ILE A 18 -0.92 0.83 8.96
C ILE A 18 0.50 1.39 8.87
N LYS A 19 1.48 0.50 8.95
CA LYS A 19 2.89 0.90 8.88
C LYS A 19 3.44 0.68 7.48
N CYS A 20 2.56 0.70 6.49
CA CYS A 20 2.97 0.50 5.11
C CYS A 20 3.45 1.81 4.49
N ARG A 21 4.46 1.72 3.62
CA ARG A 21 5.00 2.89 2.96
C ARG A 21 4.38 3.08 1.59
N PHE A 22 3.14 2.64 1.43
CA PHE A 22 2.43 2.76 0.17
C PHE A 22 0.94 3.03 0.39
N PHE A 23 0.21 3.26 -0.69
CA PHE A 23 -1.22 3.54 -0.61
C PHE A 23 -2.02 2.24 -0.72
N HIS A 24 -2.88 2.00 0.27
CA HIS A 24 -3.71 0.80 0.28
C HIS A 24 -5.07 1.08 -0.35
N PRO A 25 -5.72 0.01 -0.84
CA PRO A 25 -7.04 0.11 -1.49
C PRO A 25 -8.14 0.44 -0.48
N GLU A 26 -8.00 -0.06 0.73
CA GLU A 26 -8.99 0.19 1.78
C GLU A 26 -8.45 1.18 2.82
N ARG A 27 -7.12 1.22 2.95
CA ARG A 27 -6.49 2.13 3.90
C ARG A 27 -5.64 3.17 3.18
N PRO A 28 -5.36 4.29 3.87
CA PRO A 28 -4.56 5.38 3.31
C PRO A 28 -3.10 4.99 3.16
N SER A 29 -2.26 5.98 2.83
CA SER A 29 -0.83 5.74 2.65
C SER A 29 -0.03 6.38 3.79
ZN ZN B . 0.79 -2.44 2.17
N SER A 1 7.80 2.81 -14.40
CA SER A 1 7.60 2.32 -13.04
C SER A 1 6.60 3.18 -12.29
N GLU A 2 6.14 2.68 -11.15
CA GLU A 2 5.18 3.41 -10.33
C GLU A 2 5.68 3.54 -8.89
N HIS A 3 6.36 4.65 -8.60
CA HIS A 3 6.90 4.88 -7.26
C HIS A 3 5.76 5.22 -6.29
N ARG A 4 4.93 6.18 -6.66
CA ARG A 4 3.81 6.59 -5.81
C ARG A 4 2.54 6.73 -6.63
N LYS A 5 2.47 5.99 -7.74
CA LYS A 5 1.30 6.02 -8.61
C LYS A 5 0.41 4.81 -8.37
N GLN A 6 1.03 3.67 -8.11
CA GLN A 6 0.29 2.44 -7.86
C GLN A 6 0.07 2.22 -6.37
N PRO A 7 -0.92 1.38 -6.03
CA PRO A 7 -1.26 1.08 -4.63
C PRO A 7 -0.18 0.26 -3.94
N CYS A 8 -0.48 -0.22 -2.73
CA CYS A 8 0.46 -1.02 -1.96
C CYS A 8 0.99 -2.18 -2.80
N PRO A 9 2.16 -2.71 -2.40
CA PRO A 9 2.81 -3.82 -3.10
C PRO A 9 2.05 -5.13 -2.91
N TYR A 10 1.44 -5.29 -1.74
CA TYR A 10 0.68 -6.51 -1.44
C TYR A 10 -0.79 -6.18 -1.16
N GLY A 11 -1.00 -5.08 -0.44
CA GLY A 11 -2.37 -4.67 -0.11
C GLY A 11 -3.05 -5.65 0.82
N LYS A 12 -4.05 -6.36 0.29
CA LYS A 12 -4.79 -7.33 1.09
C LYS A 12 -3.84 -8.34 1.73
N LYS A 13 -2.73 -8.61 1.08
CA LYS A 13 -1.74 -9.55 1.59
C LYS A 13 -0.75 -8.86 2.51
N CYS A 14 -0.57 -7.55 2.30
CA CYS A 14 0.35 -6.77 3.12
C CYS A 14 0.07 -6.97 4.60
N THR A 15 1.14 -7.19 5.37
CA THR A 15 1.00 -7.39 6.81
C THR A 15 1.30 -6.11 7.57
N TYR A 16 2.05 -5.21 6.96
CA TYR A 16 2.40 -3.94 7.59
C TYR A 16 1.14 -3.19 8.03
N GLY A 17 0.24 -2.94 7.09
CA GLY A 17 -0.98 -2.23 7.42
C GLY A 17 -0.77 -0.73 7.52
N ILE A 18 -0.16 -0.30 8.62
CA ILE A 18 0.10 1.12 8.84
C ILE A 18 1.51 1.49 8.44
N LYS A 19 2.43 0.54 8.58
CA LYS A 19 3.83 0.76 8.24
C LYS A 19 4.14 0.24 6.84
N CYS A 20 3.10 0.16 6.01
CA CYS A 20 3.26 -0.32 4.64
C CYS A 20 4.00 0.71 3.78
N ARG A 21 3.91 1.97 4.18
CA ARG A 21 4.58 3.04 3.44
C ARG A 21 4.01 3.17 2.04
N PHE A 22 2.73 2.81 1.89
CA PHE A 22 2.07 2.89 0.59
C PHE A 22 0.56 3.12 0.76
N PHE A 23 -0.12 3.37 -0.35
CA PHE A 23 -1.56 3.61 -0.32
C PHE A 23 -2.32 2.33 -0.57
N HIS A 24 -3.21 1.98 0.35
CA HIS A 24 -4.02 0.77 0.24
C HIS A 24 -5.29 1.03 -0.55
N PRO A 25 -5.86 -0.03 -1.13
CA PRO A 25 -7.10 0.06 -1.91
C PRO A 25 -8.31 0.36 -1.04
N GLU A 26 -8.30 -0.17 0.17
CA GLU A 26 -9.41 0.04 1.11
C GLU A 26 -9.01 1.01 2.21
N ARG A 27 -7.73 1.07 2.51
CA ARG A 27 -7.22 1.96 3.55
C ARG A 27 -6.33 3.05 2.95
N PRO A 28 -6.15 4.15 3.69
CA PRO A 28 -5.33 5.28 3.24
C PRO A 28 -3.84 4.94 3.24
N SER A 29 -3.37 4.36 4.33
CA SER A 29 -1.97 3.98 4.46
C SER A 29 -1.81 2.71 5.28
ZN ZN B . 0.22 -2.62 2.40
N SER A 1 8.14 1.26 -12.55
CA SER A 1 8.55 2.27 -11.58
C SER A 1 7.34 3.04 -11.06
N GLU A 2 6.53 2.39 -10.24
CA GLU A 2 5.33 3.02 -9.67
C GLU A 2 5.41 3.05 -8.15
N HIS A 3 5.88 4.18 -7.61
CA HIS A 3 6.00 4.34 -6.18
C HIS A 3 4.68 4.80 -5.56
N ARG A 4 4.08 5.82 -6.17
CA ARG A 4 2.82 6.37 -5.69
C ARG A 4 1.71 6.17 -6.73
N LYS A 5 2.11 6.06 -7.99
CA LYS A 5 1.15 5.87 -9.07
C LYS A 5 0.21 4.69 -8.77
N GLN A 6 0.79 3.56 -8.41
CA GLN A 6 0.01 2.37 -8.10
C GLN A 6 -0.04 2.13 -6.59
N PRO A 7 -1.03 1.34 -6.15
CA PRO A 7 -1.22 1.03 -4.73
C PRO A 7 -0.12 0.12 -4.19
N CYS A 8 -0.28 -0.33 -2.94
CA CYS A 8 0.70 -1.20 -2.31
C CYS A 8 1.01 -2.40 -3.20
N PRO A 9 2.19 -3.01 -2.98
CA PRO A 9 2.64 -4.17 -3.76
C PRO A 9 1.82 -5.42 -3.44
N TYR A 10 1.37 -5.54 -2.20
CA TYR A 10 0.58 -6.69 -1.77
C TYR A 10 -0.80 -6.25 -1.28
N GLY A 11 -0.82 -5.19 -0.48
CA GLY A 11 -2.07 -4.68 0.05
C GLY A 11 -2.72 -5.65 1.01
N LYS A 12 -3.71 -6.40 0.52
CA LYS A 12 -4.41 -7.37 1.35
C LYS A 12 -3.46 -8.44 1.87
N LYS A 13 -2.45 -8.77 1.07
CA LYS A 13 -1.47 -9.77 1.45
C LYS A 13 -0.34 -9.15 2.26
N CYS A 14 -0.19 -7.83 2.14
CA CYS A 14 0.86 -7.11 2.86
C CYS A 14 0.82 -7.46 4.35
N THR A 15 1.95 -7.23 5.02
CA THR A 15 2.05 -7.51 6.45
C THR A 15 1.85 -6.25 7.27
N TYR A 16 2.31 -5.12 6.74
CA TYR A 16 2.19 -3.84 7.43
C TYR A 16 0.73 -3.44 7.57
N GLY A 17 0.03 -3.34 6.44
CA GLY A 17 -1.38 -2.97 6.46
C GLY A 17 -1.58 -1.50 6.77
N ILE A 18 -1.45 -1.14 8.04
CA ILE A 18 -1.62 0.24 8.47
C ILE A 18 -0.27 0.95 8.61
N LYS A 19 0.76 0.18 8.93
CA LYS A 19 2.10 0.73 9.09
C LYS A 19 2.92 0.54 7.81
N CYS A 20 2.23 0.52 6.68
CA CYS A 20 2.89 0.35 5.38
C CYS A 20 3.43 1.68 4.88
N ARG A 21 4.31 1.61 3.88
CA ARG A 21 4.91 2.81 3.31
C ARG A 21 4.19 3.21 2.02
N PHE A 22 3.59 2.23 1.36
CA PHE A 22 2.86 2.49 0.11
C PHE A 22 1.41 2.85 0.39
N PHE A 23 0.65 3.09 -0.67
CA PHE A 23 -0.76 3.45 -0.54
C PHE A 23 -1.64 2.21 -0.59
N HIS A 24 -2.26 1.88 0.54
CA HIS A 24 -3.14 0.72 0.64
C HIS A 24 -4.51 1.03 0.06
N PRO A 25 -5.21 -0.03 -0.38
CA PRO A 25 -6.56 0.11 -0.97
C PRO A 25 -7.60 0.50 0.06
N GLU A 26 -7.32 0.18 1.32
CA GLU A 26 -8.25 0.49 2.41
C GLU A 26 -7.73 1.66 3.24
N ARG A 27 -6.68 2.32 2.75
CA ARG A 27 -6.09 3.45 3.45
C ARG A 27 -6.38 4.75 2.71
N PRO A 28 -6.29 5.88 3.44
CA PRO A 28 -6.54 7.21 2.87
C PRO A 28 -5.45 7.63 1.89
N SER A 29 -5.84 8.45 0.91
CA SER A 29 -4.90 8.93 -0.10
C SER A 29 -4.50 10.37 0.18
ZN ZN B . 1.25 -2.62 2.23
N SER A 1 9.42 4.29 -11.57
CA SER A 1 9.25 4.65 -10.17
C SER A 1 7.79 4.93 -9.85
N GLU A 2 7.09 3.91 -9.35
CA GLU A 2 5.69 4.04 -9.00
C GLU A 2 5.49 3.98 -7.49
N HIS A 3 6.41 4.60 -6.75
CA HIS A 3 6.33 4.62 -5.30
C HIS A 3 5.11 5.40 -4.83
N ARG A 4 4.64 6.32 -5.66
CA ARG A 4 3.47 7.13 -5.33
C ARG A 4 2.50 7.19 -6.50
N LYS A 5 2.52 6.16 -7.34
CA LYS A 5 1.64 6.08 -8.49
C LYS A 5 0.76 4.84 -8.42
N GLN A 6 1.33 3.73 -7.98
CA GLN A 6 0.59 2.48 -7.87
C GLN A 6 0.24 2.18 -6.42
N PRO A 7 -0.76 1.30 -6.22
CA PRO A 7 -1.21 0.92 -4.88
C PRO A 7 -0.18 0.06 -4.15
N CYS A 8 -0.53 -0.36 -2.94
CA CYS A 8 0.36 -1.19 -2.13
C CYS A 8 0.86 -2.39 -2.92
N PRO A 9 2.03 -2.92 -2.52
CA PRO A 9 2.64 -4.08 -3.18
C PRO A 9 1.85 -5.37 -2.96
N TYR A 10 1.26 -5.49 -1.79
CA TYR A 10 0.47 -6.68 -1.44
C TYR A 10 -0.97 -6.30 -1.14
N GLY A 11 -1.16 -5.20 -0.41
CA GLY A 11 -2.49 -4.75 -0.06
C GLY A 11 -3.19 -5.68 0.91
N LYS A 12 -4.11 -6.49 0.40
CA LYS A 12 -4.85 -7.43 1.24
C LYS A 12 -3.91 -8.44 1.90
N LYS A 13 -2.84 -8.79 1.19
CA LYS A 13 -1.86 -9.73 1.70
C LYS A 13 -0.81 -9.02 2.55
N CYS A 14 -0.67 -7.72 2.34
CA CYS A 14 0.30 -6.93 3.09
C CYS A 14 0.12 -7.13 4.59
N THR A 15 1.23 -7.06 5.33
CA THR A 15 1.19 -7.24 6.77
C THR A 15 1.50 -5.93 7.49
N TYR A 16 2.20 -5.03 6.81
CA TYR A 16 2.56 -3.75 7.39
C TYR A 16 1.33 -3.00 7.86
N GLY A 17 0.39 -2.78 6.95
CA GLY A 17 -0.84 -2.07 7.29
C GLY A 17 -0.65 -0.57 7.33
N ILE A 18 -0.03 -0.08 8.40
CA ILE A 18 0.21 1.35 8.57
C ILE A 18 1.63 1.71 8.15
N LYS A 19 2.55 0.77 8.30
CA LYS A 19 3.95 0.98 7.93
C LYS A 19 4.25 0.42 6.54
N CYS A 20 3.20 0.31 5.73
CA CYS A 20 3.35 -0.22 4.37
C CYS A 20 4.05 0.79 3.47
N ARG A 21 3.95 2.06 3.84
CA ARG A 21 4.58 3.13 3.05
C ARG A 21 3.98 3.21 1.65
N PHE A 22 2.74 2.75 1.52
CA PHE A 22 2.05 2.76 0.24
C PHE A 22 0.55 3.04 0.42
N PHE A 23 -0.15 3.19 -0.68
CA PHE A 23 -1.59 3.45 -0.64
C PHE A 23 -2.39 2.15 -0.79
N HIS A 24 -3.23 1.87 0.19
CA HIS A 24 -4.05 0.67 0.17
C HIS A 24 -5.37 0.92 -0.57
N PRO A 25 -5.97 -0.16 -1.08
CA PRO A 25 -7.24 -0.08 -1.81
C PRO A 25 -8.42 0.27 -0.90
N GLU A 26 -8.35 -0.20 0.33
CA GLU A 26 -9.42 0.07 1.31
C GLU A 26 -8.97 1.10 2.34
N ARG A 27 -7.66 1.16 2.58
CA ARG A 27 -7.10 2.09 3.54
C ARG A 27 -6.20 3.11 2.85
N PRO A 28 -5.97 4.26 3.51
CA PRO A 28 -5.13 5.33 2.99
C PRO A 28 -3.65 4.94 2.97
N SER A 29 -2.80 5.92 2.68
CA SER A 29 -1.36 5.68 2.62
C SER A 29 -0.65 6.43 3.74
ZN ZN B . 0.24 -2.63 2.40
N SER A 1 8.56 3.12 -13.10
CA SER A 1 8.61 3.75 -11.80
C SER A 1 7.22 4.20 -11.36
N GLU A 2 6.48 3.28 -10.75
CA GLU A 2 5.13 3.59 -10.27
C GLU A 2 5.03 3.43 -8.77
N HIS A 3 6.05 3.88 -8.06
CA HIS A 3 6.08 3.79 -6.60
C HIS A 3 5.12 4.79 -5.97
N ARG A 4 4.85 5.88 -6.68
CA ARG A 4 3.94 6.91 -6.20
C ARG A 4 2.74 7.05 -7.12
N LYS A 5 2.39 5.98 -7.82
CA LYS A 5 1.26 5.98 -8.73
C LYS A 5 0.32 4.82 -8.45
N GLN A 6 0.88 3.62 -8.37
CA GLN A 6 0.08 2.43 -8.09
C GLN A 6 -0.03 2.18 -6.59
N PRO A 7 -1.03 1.38 -6.19
CA PRO A 7 -1.26 1.05 -4.78
C PRO A 7 -0.18 0.14 -4.21
N CYS A 8 -0.37 -0.30 -2.98
CA CYS A 8 0.58 -1.19 -2.32
C CYS A 8 0.90 -2.39 -3.19
N PRO A 9 2.08 -2.99 -2.97
CA PRO A 9 2.54 -4.16 -3.72
C PRO A 9 1.73 -5.41 -3.41
N TYR A 10 1.30 -5.54 -2.16
CA TYR A 10 0.52 -6.69 -1.72
C TYR A 10 -0.85 -6.25 -1.20
N GLY A 11 -0.86 -5.19 -0.40
CA GLY A 11 -2.10 -4.69 0.15
C GLY A 11 -2.73 -5.64 1.14
N LYS A 12 -3.77 -6.36 0.70
CA LYS A 12 -4.46 -7.32 1.55
C LYS A 12 -3.49 -8.38 2.06
N LYS A 13 -2.48 -8.70 1.26
CA LYS A 13 -1.49 -9.70 1.63
C LYS A 13 -0.32 -9.05 2.37
N CYS A 14 -0.19 -7.74 2.22
CA CYS A 14 0.89 -7.01 2.87
C CYS A 14 0.92 -7.31 4.37
N THR A 15 2.13 -7.30 4.94
CA THR A 15 2.30 -7.58 6.37
C THR A 15 2.09 -6.31 7.19
N TYR A 16 2.55 -5.19 6.67
CA TYR A 16 2.40 -3.91 7.37
C TYR A 16 0.94 -3.56 7.59
N GLY A 17 0.19 -3.49 6.50
CA GLY A 17 -1.23 -3.17 6.60
C GLY A 17 -1.47 -1.71 6.93
N ILE A 18 -1.29 -1.36 8.20
CA ILE A 18 -1.50 0.01 8.65
C ILE A 18 -0.18 0.76 8.74
N LYS A 19 0.91 0.02 8.91
CA LYS A 19 2.24 0.60 9.01
C LYS A 19 2.97 0.52 7.67
N CYS A 20 2.22 0.44 6.59
CA CYS A 20 2.79 0.35 5.25
C CYS A 20 3.15 1.74 4.73
N ARG A 21 4.20 1.80 3.90
CA ARG A 21 4.66 3.06 3.34
C ARG A 21 3.89 3.39 2.06
N PHE A 22 3.42 2.35 1.36
CA PHE A 22 2.68 2.53 0.12
C PHE A 22 1.21 2.85 0.42
N PHE A 23 0.46 3.13 -0.64
CA PHE A 23 -0.96 3.46 -0.50
C PHE A 23 -1.81 2.20 -0.54
N HIS A 24 -2.48 1.91 0.57
CA HIS A 24 -3.33 0.73 0.66
C HIS A 24 -4.71 1.01 0.08
N PRO A 25 -5.40 -0.06 -0.37
CA PRO A 25 -6.73 0.05 -0.96
C PRO A 25 -7.80 0.41 0.07
N GLU A 26 -7.52 0.11 1.34
CA GLU A 26 -8.46 0.41 2.42
C GLU A 26 -7.96 1.58 3.25
N ARG A 27 -6.92 2.26 2.75
CA ARG A 27 -6.36 3.40 3.46
C ARG A 27 -6.67 4.71 2.72
N PRO A 28 -6.60 5.83 3.45
CA PRO A 28 -6.88 7.15 2.88
C PRO A 28 -5.81 7.61 1.91
N SER A 29 -6.21 8.41 0.92
CA SER A 29 -5.28 8.91 -0.09
C SER A 29 -4.77 10.30 0.28
ZN ZN B . 1.08 -2.61 2.23
N SER A 1 9.51 3.38 -12.20
CA SER A 1 8.71 2.61 -11.25
C SER A 1 7.46 3.38 -10.85
N GLU A 2 6.54 2.70 -10.18
CA GLU A 2 5.30 3.31 -9.73
C GLU A 2 5.37 3.66 -8.24
N HIS A 3 6.35 4.48 -7.88
CA HIS A 3 6.53 4.88 -6.48
C HIS A 3 5.23 5.45 -5.91
N ARG A 4 4.59 6.34 -6.67
CA ARG A 4 3.35 6.94 -6.23
C ARG A 4 2.29 6.90 -7.35
N LYS A 5 2.40 5.89 -8.20
CA LYS A 5 1.47 5.73 -9.31
C LYS A 5 0.56 4.52 -9.09
N GLN A 6 1.10 3.49 -8.46
CA GLN A 6 0.34 2.27 -8.19
C GLN A 6 0.15 2.07 -6.68
N PRO A 7 -0.84 1.25 -6.32
CA PRO A 7 -1.14 0.96 -4.92
C PRO A 7 -0.06 0.11 -4.25
N CYS A 8 -0.32 -0.29 -3.01
CA CYS A 8 0.63 -1.11 -2.26
C CYS A 8 1.06 -2.33 -3.07
N PRO A 9 2.22 -2.89 -2.73
CA PRO A 9 2.76 -4.08 -3.41
C PRO A 9 1.95 -5.33 -3.13
N TYR A 10 1.39 -5.42 -1.92
CA TYR A 10 0.60 -6.56 -1.51
C TYR A 10 -0.83 -6.15 -1.16
N GLY A 11 -0.95 -5.06 -0.42
CA GLY A 11 -2.26 -4.56 -0.03
C GLY A 11 -2.93 -5.46 1.00
N LYS A 12 -3.94 -6.21 0.55
CA LYS A 12 -4.67 -7.11 1.44
C LYS A 12 -3.74 -8.17 2.01
N LYS A 13 -2.78 -8.61 1.20
CA LYS A 13 -1.82 -9.63 1.63
C LYS A 13 -0.68 -8.99 2.41
N CYS A 14 -0.55 -7.68 2.31
CA CYS A 14 0.51 -6.95 3.00
C CYS A 14 0.54 -7.32 4.49
N THR A 15 1.69 -7.14 5.11
CA THR A 15 1.86 -7.44 6.53
C THR A 15 1.65 -6.21 7.39
N TYR A 16 2.17 -5.08 6.94
CA TYR A 16 2.03 -3.82 7.67
C TYR A 16 0.58 -3.35 7.69
N GLY A 17 0.01 -3.17 6.51
CA GLY A 17 -1.37 -2.73 6.42
C GLY A 17 -1.53 -1.25 6.71
N ILE A 18 -1.27 -0.87 7.95
CA ILE A 18 -1.39 0.53 8.37
C ILE A 18 -0.02 1.21 8.36
N LYS A 19 1.03 0.43 8.52
CA LYS A 19 2.39 0.96 8.53
C LYS A 19 2.95 1.05 7.11
N CYS A 20 2.38 0.27 6.20
CA CYS A 20 2.81 0.25 4.82
C CYS A 20 2.87 1.67 4.26
N ARG A 21 4.09 2.15 3.98
CA ARG A 21 4.28 3.48 3.44
C ARG A 21 3.42 3.69 2.19
N PHE A 22 3.35 2.68 1.35
CA PHE A 22 2.56 2.75 0.12
C PHE A 22 1.09 3.02 0.44
N PHE A 23 0.30 3.26 -0.60
CA PHE A 23 -1.12 3.51 -0.44
C PHE A 23 -1.93 2.22 -0.53
N HIS A 24 -2.80 2.02 0.46
CA HIS A 24 -3.64 0.83 0.50
C HIS A 24 -5.02 1.11 -0.09
N PRO A 25 -5.69 0.04 -0.57
CA PRO A 25 -7.02 0.15 -1.16
C PRO A 25 -8.09 0.49 -0.13
N GLU A 26 -7.92 -0.02 1.09
CA GLU A 26 -8.87 0.23 2.16
C GLU A 26 -8.30 1.20 3.19
N ARG A 27 -6.97 1.24 3.28
CA ARG A 27 -6.29 2.13 4.22
C ARG A 27 -5.47 3.17 3.48
N PRO A 28 -5.16 4.28 4.16
CA PRO A 28 -4.37 5.37 3.59
C PRO A 28 -2.91 4.97 3.36
N SER A 29 -2.08 5.96 3.03
CA SER A 29 -0.66 5.72 2.78
C SER A 29 0.19 6.20 3.95
ZN ZN B . 0.82 -2.54 2.15
N SER A 1 9.74 2.63 -11.94
CA SER A 1 9.22 2.15 -10.67
C SER A 1 8.02 2.99 -10.23
N GLU A 2 6.88 2.34 -10.01
CA GLU A 2 5.68 3.02 -9.59
C GLU A 2 5.71 3.30 -8.08
N HIS A 3 6.20 4.47 -7.70
CA HIS A 3 6.29 4.85 -6.30
C HIS A 3 5.02 5.58 -5.86
N ARG A 4 4.46 6.38 -6.75
CA ARG A 4 3.25 7.13 -6.45
C ARG A 4 2.23 7.00 -7.58
N LYS A 5 2.29 5.88 -8.30
CA LYS A 5 1.38 5.64 -9.41
C LYS A 5 0.46 4.45 -9.10
N GLN A 6 1.06 3.33 -8.71
CA GLN A 6 0.29 2.13 -8.39
C GLN A 6 0.12 1.99 -6.88
N PRO A 7 -0.89 1.20 -6.48
CA PRO A 7 -1.19 0.96 -5.06
C PRO A 7 -0.11 0.13 -4.36
N CYS A 8 -0.37 -0.25 -3.12
CA CYS A 8 0.58 -1.05 -2.35
C CYS A 8 1.02 -2.29 -3.13
N PRO A 9 2.18 -2.83 -2.76
CA PRO A 9 2.75 -4.02 -3.41
C PRO A 9 1.93 -5.28 -3.11
N TYR A 10 1.38 -5.34 -1.91
CA TYR A 10 0.59 -6.49 -1.49
C TYR A 10 -0.85 -6.08 -1.16
N GLY A 11 -0.98 -4.97 -0.44
CA GLY A 11 -2.30 -4.48 -0.07
C GLY A 11 -2.98 -5.38 0.95
N LYS A 12 -3.81 -6.30 0.46
CA LYS A 12 -4.53 -7.22 1.34
C LYS A 12 -3.57 -8.21 1.98
N LYS A 13 -2.54 -8.60 1.25
CA LYS A 13 -1.55 -9.54 1.76
C LYS A 13 -0.49 -8.82 2.59
N CYS A 14 -0.37 -7.51 2.39
CA CYS A 14 0.59 -6.70 3.12
C CYS A 14 0.48 -6.94 4.62
N THR A 15 1.55 -7.44 5.22
CA THR A 15 1.58 -7.71 6.65
C THR A 15 1.61 -6.41 7.46
N TYR A 16 2.16 -5.37 6.86
CA TYR A 16 2.27 -4.07 7.53
C TYR A 16 0.88 -3.55 7.90
N GLY A 17 0.02 -3.40 6.89
CA GLY A 17 -1.32 -2.91 7.13
C GLY A 17 -1.35 -1.43 7.46
N ILE A 18 -1.04 -1.11 8.71
CA ILE A 18 -1.03 0.28 9.17
C ILE A 18 0.39 0.85 9.15
N LYS A 19 1.37 -0.03 9.00
CA LYS A 19 2.76 0.38 8.97
C LYS A 19 3.23 0.65 7.54
N CYS A 20 2.50 0.08 6.58
CA CYS A 20 2.83 0.25 5.17
C CYS A 20 3.00 1.72 4.83
N ARG A 21 3.86 2.01 3.86
CA ARG A 21 4.12 3.38 3.44
C ARG A 21 3.37 3.69 2.13
N PHE A 22 3.13 2.66 1.34
CA PHE A 22 2.44 2.81 0.07
C PHE A 22 0.96 3.10 0.29
N PHE A 23 0.25 3.36 -0.81
CA PHE A 23 -1.19 3.64 -0.74
C PHE A 23 -2.00 2.35 -0.80
N HIS A 24 -2.85 2.15 0.20
CA HIS A 24 -3.69 0.96 0.26
C HIS A 24 -5.06 1.23 -0.36
N PRO A 25 -5.72 0.15 -0.82
CA PRO A 25 -7.05 0.26 -1.44
C PRO A 25 -8.13 0.62 -0.43
N GLU A 26 -7.98 0.15 0.80
CA GLU A 26 -8.94 0.43 1.85
C GLU A 26 -8.38 1.44 2.85
N ARG A 27 -7.06 1.48 2.97
CA ARG A 27 -6.40 2.40 3.89
C ARG A 27 -5.56 3.41 3.13
N PRO A 28 -5.26 4.55 3.78
CA PRO A 28 -4.47 5.62 3.18
C PRO A 28 -3.00 5.23 3.02
N SER A 29 -2.17 6.20 2.65
CA SER A 29 -0.74 5.95 2.44
C SER A 29 0.07 6.49 3.61
ZN ZN B . 0.77 -2.34 2.14
N SER A 1 8.71 4.16 -11.75
CA SER A 1 8.77 4.89 -10.50
C SER A 1 7.37 5.15 -9.95
N GLU A 2 6.66 4.08 -9.62
CA GLU A 2 5.31 4.19 -9.08
C GLU A 2 5.29 3.82 -7.61
N HIS A 3 5.96 4.60 -6.79
CA HIS A 3 6.02 4.35 -5.35
C HIS A 3 4.72 4.78 -4.67
N ARG A 4 4.09 5.81 -5.23
CA ARG A 4 2.83 6.33 -4.68
C ARG A 4 1.70 6.19 -5.70
N LYS A 5 2.04 6.24 -6.98
CA LYS A 5 1.06 6.13 -8.05
C LYS A 5 0.20 4.89 -7.86
N GLN A 6 0.80 3.72 -8.08
CA GLN A 6 0.09 2.45 -7.94
C GLN A 6 -0.08 2.09 -6.46
N PRO A 7 -1.04 1.20 -6.18
CA PRO A 7 -1.33 0.76 -4.81
C PRO A 7 -0.21 -0.12 -4.24
N CYS A 8 -0.38 -0.55 -3.00
CA CYS A 8 0.62 -1.40 -2.33
C CYS A 8 0.96 -2.60 -3.21
N PRO A 9 2.13 -3.20 -2.95
CA PRO A 9 2.60 -4.38 -3.69
C PRO A 9 1.79 -5.62 -3.37
N TYR A 10 1.31 -5.72 -2.14
CA TYR A 10 0.51 -6.87 -1.72
C TYR A 10 -0.88 -6.44 -1.27
N GLY A 11 -0.93 -5.36 -0.49
CA GLY A 11 -2.20 -4.85 -0.01
C GLY A 11 -2.90 -5.82 0.92
N LYS A 12 -3.82 -6.60 0.37
CA LYS A 12 -4.56 -7.58 1.16
C LYS A 12 -3.63 -8.60 1.77
N LYS A 13 -2.55 -8.92 1.06
CA LYS A 13 -1.57 -9.89 1.54
C LYS A 13 -0.50 -9.20 2.38
N CYS A 14 -0.36 -7.89 2.22
CA CYS A 14 0.62 -7.12 2.96
C CYS A 14 0.50 -7.40 4.47
N THR A 15 1.59 -7.16 5.19
CA THR A 15 1.62 -7.38 6.63
C THR A 15 1.70 -6.06 7.39
N TYR A 16 2.37 -5.09 6.78
CA TYR A 16 2.53 -3.77 7.41
C TYR A 16 1.18 -3.14 7.70
N GLY A 17 0.36 -2.99 6.66
CA GLY A 17 -0.95 -2.39 6.84
C GLY A 17 -0.88 -0.90 7.09
N ILE A 18 -0.59 -0.53 8.34
CA ILE A 18 -0.50 0.88 8.71
C ILE A 18 0.93 1.38 8.60
N LYS A 19 1.88 0.47 8.74
CA LYS A 19 3.30 0.83 8.65
C LYS A 19 3.85 0.51 7.26
N CYS A 20 2.97 0.47 6.27
CA CYS A 20 3.36 0.17 4.89
C CYS A 20 3.94 1.42 4.22
N ARG A 21 4.90 1.20 3.32
CA ARG A 21 5.54 2.29 2.61
C ARG A 21 4.89 2.52 1.25
N PHE A 22 3.59 2.23 1.17
CA PHE A 22 2.84 2.39 -0.08
C PHE A 22 1.40 2.78 0.21
N PHE A 23 0.62 2.96 -0.86
CA PHE A 23 -0.78 3.34 -0.73
C PHE A 23 -1.69 2.11 -0.81
N HIS A 24 -2.31 1.76 0.31
CA HIS A 24 -3.21 0.61 0.35
C HIS A 24 -4.53 0.92 -0.35
N PRO A 25 -5.21 -0.14 -0.81
CA PRO A 25 -6.49 -0.01 -1.51
C PRO A 25 -7.62 0.43 -0.58
N GLU A 26 -7.38 0.30 0.72
CA GLU A 26 -8.38 0.67 1.72
C GLU A 26 -7.98 1.97 2.41
N ARG A 27 -6.97 2.65 1.87
CA ARG A 27 -6.50 3.89 2.44
C ARG A 27 -7.63 4.90 2.58
N PRO A 28 -7.45 5.89 3.47
CA PRO A 28 -8.45 6.94 3.71
C PRO A 28 -8.60 7.88 2.52
N SER A 29 -9.48 8.88 2.67
CA SER A 29 -9.71 9.85 1.61
C SER A 29 -10.27 9.17 0.36
ZN ZN B . 1.02 -2.59 2.30
N SER A 1 8.82 3.63 -12.68
CA SER A 1 8.73 3.64 -11.22
C SER A 1 7.33 4.08 -10.78
N GLU A 2 6.62 3.18 -10.10
CA GLU A 2 5.28 3.48 -9.62
C GLU A 2 5.20 3.34 -8.10
N HIS A 3 6.05 4.09 -7.40
CA HIS A 3 6.08 4.06 -5.95
C HIS A 3 4.82 4.69 -5.36
N ARG A 4 4.32 5.74 -6.01
CA ARG A 4 3.12 6.42 -5.56
C ARG A 4 2.00 6.30 -6.58
N LYS A 5 2.37 6.06 -7.84
CA LYS A 5 1.39 5.91 -8.90
C LYS A 5 0.44 4.75 -8.61
N GLN A 6 1.01 3.55 -8.45
CA GLN A 6 0.22 2.37 -8.17
C GLN A 6 0.08 2.14 -6.67
N PRO A 7 -0.93 1.34 -6.28
CA PRO A 7 -1.19 1.04 -4.87
C PRO A 7 -0.11 0.14 -4.26
N CYS A 8 -0.34 -0.29 -3.03
CA CYS A 8 0.61 -1.16 -2.33
C CYS A 8 0.98 -2.36 -3.19
N PRO A 9 2.15 -2.96 -2.91
CA PRO A 9 2.64 -4.12 -3.65
C PRO A 9 1.83 -5.37 -3.36
N TYR A 10 1.34 -5.49 -2.12
CA TYR A 10 0.55 -6.64 -1.72
C TYR A 10 -0.84 -6.21 -1.28
N GLY A 11 -0.91 -5.15 -0.49
CA GLY A 11 -2.19 -4.65 -0.01
C GLY A 11 -2.86 -5.60 0.96
N LYS A 12 -3.82 -6.38 0.46
CA LYS A 12 -4.54 -7.33 1.28
C LYS A 12 -3.59 -8.39 1.84
N LYS A 13 -2.57 -8.73 1.06
CA LYS A 13 -1.59 -9.74 1.46
C LYS A 13 -0.47 -9.09 2.29
N CYS A 14 -0.34 -7.78 2.17
CA CYS A 14 0.69 -7.05 2.91
C CYS A 14 0.62 -7.39 4.40
N THR A 15 1.78 -7.34 5.06
CA THR A 15 1.86 -7.64 6.48
C THR A 15 1.83 -6.36 7.31
N TYR A 16 2.48 -5.31 6.81
CA TYR A 16 2.52 -4.03 7.51
C TYR A 16 1.13 -3.56 7.86
N GLY A 17 0.28 -3.41 6.83
CA GLY A 17 -1.08 -2.96 7.06
C GLY A 17 -1.16 -1.48 7.36
N ILE A 18 -0.78 -1.11 8.58
CA ILE A 18 -0.80 0.28 9.01
C ILE A 18 0.57 0.93 8.88
N LYS A 19 1.60 0.10 8.88
CA LYS A 19 2.97 0.58 8.75
C LYS A 19 3.37 0.73 7.28
N CYS A 20 2.61 0.09 6.40
CA CYS A 20 2.87 0.16 4.97
C CYS A 20 3.02 1.60 4.51
N ARG A 21 4.16 1.92 3.90
CA ARG A 21 4.42 3.26 3.42
C ARG A 21 3.65 3.54 2.13
N PHE A 22 3.40 2.49 1.37
CA PHE A 22 2.66 2.62 0.10
C PHE A 22 1.20 2.95 0.36
N PHE A 23 0.44 3.15 -0.71
CA PHE A 23 -0.98 3.48 -0.61
C PHE A 23 -1.83 2.21 -0.65
N HIS A 24 -2.50 1.91 0.45
CA HIS A 24 -3.35 0.73 0.53
C HIS A 24 -4.72 1.01 -0.08
N PRO A 25 -5.39 -0.05 -0.53
CA PRO A 25 -6.73 0.05 -1.15
C PRO A 25 -7.80 0.42 -0.13
N GLU A 26 -7.55 0.09 1.13
CA GLU A 26 -8.51 0.39 2.19
C GLU A 26 -8.04 1.57 3.03
N ARG A 27 -7.00 2.25 2.55
CA ARG A 27 -6.44 3.40 3.25
C ARG A 27 -6.76 4.70 2.51
N PRO A 28 -6.70 5.83 3.24
CA PRO A 28 -6.98 7.15 2.67
C PRO A 28 -5.88 7.60 1.70
N SER A 29 -6.30 8.25 0.61
CA SER A 29 -5.36 8.72 -0.39
C SER A 29 -4.64 9.98 0.10
ZN ZN B . 0.93 -2.67 2.12
N SER A 1 8.94 2.86 -12.10
CA SER A 1 9.00 3.86 -11.04
C SER A 1 7.60 4.27 -10.60
N GLU A 2 6.86 3.33 -10.01
CA GLU A 2 5.51 3.61 -9.54
C GLU A 2 5.41 3.43 -8.03
N HIS A 3 6.12 4.27 -7.29
CA HIS A 3 6.10 4.22 -5.84
C HIS A 3 4.81 4.80 -5.28
N ARG A 4 4.28 5.82 -5.96
CA ARG A 4 3.06 6.46 -5.53
C ARG A 4 1.94 6.26 -6.56
N LYS A 5 2.35 6.05 -7.81
CA LYS A 5 1.38 5.84 -8.89
C LYS A 5 0.45 4.67 -8.57
N GLN A 6 1.01 3.47 -8.52
CA GLN A 6 0.23 2.27 -8.22
C GLN A 6 0.08 2.08 -6.72
N PRO A 7 -0.92 1.29 -6.32
CA PRO A 7 -1.19 1.00 -4.91
C PRO A 7 -0.12 0.12 -4.28
N CYS A 8 -0.35 -0.29 -3.04
CA CYS A 8 0.59 -1.14 -2.33
C CYS A 8 0.98 -2.36 -3.16
N PRO A 9 2.15 -2.94 -2.86
CA PRO A 9 2.65 -4.11 -3.57
C PRO A 9 1.84 -5.37 -3.27
N TYR A 10 1.33 -5.47 -2.05
CA TYR A 10 0.53 -6.61 -1.64
C TYR A 10 -0.87 -6.19 -1.23
N GLY A 11 -0.95 -5.11 -0.45
CA GLY A 11 -2.24 -4.61 0.00
C GLY A 11 -2.90 -5.55 0.99
N LYS A 12 -3.88 -6.31 0.51
CA LYS A 12 -4.59 -7.26 1.35
C LYS A 12 -3.65 -8.31 1.92
N LYS A 13 -2.65 -8.68 1.13
CA LYS A 13 -1.68 -9.69 1.56
C LYS A 13 -0.55 -9.03 2.35
N CYS A 14 -0.44 -7.71 2.25
CA CYS A 14 0.60 -6.97 2.95
C CYS A 14 0.61 -7.32 4.44
N THR A 15 1.80 -7.43 5.01
CA THR A 15 1.93 -7.76 6.42
C THR A 15 2.01 -6.50 7.28
N TYR A 16 2.58 -5.44 6.72
CA TYR A 16 2.70 -4.18 7.43
C TYR A 16 1.34 -3.70 7.93
N GLY A 17 0.41 -3.53 7.00
CA GLY A 17 -0.93 -3.08 7.37
C GLY A 17 -0.96 -1.60 7.74
N ILE A 18 -0.49 -1.28 8.93
CA ILE A 18 -0.46 0.10 9.40
C ILE A 18 0.91 0.73 9.20
N LYS A 19 1.92 -0.11 9.05
CA LYS A 19 3.29 0.35 8.83
C LYS A 19 3.56 0.59 7.35
N CYS A 20 2.73 0.01 6.50
CA CYS A 20 2.88 0.15 5.06
C CYS A 20 2.99 1.62 4.67
N ARG A 21 4.02 1.95 3.90
CA ARG A 21 4.23 3.32 3.46
C ARG A 21 3.50 3.59 2.15
N PHE A 22 3.28 2.55 1.36
CA PHE A 22 2.59 2.67 0.08
C PHE A 22 1.12 3.02 0.30
N PHE A 23 0.40 3.19 -0.80
CA PHE A 23 -1.02 3.53 -0.73
C PHE A 23 -1.88 2.27 -0.79
N HIS A 24 -2.55 1.97 0.33
CA HIS A 24 -3.41 0.80 0.41
C HIS A 24 -4.77 1.05 -0.25
N PRO A 25 -5.43 -0.02 -0.69
CA PRO A 25 -6.75 0.08 -1.33
C PRO A 25 -7.84 0.46 -0.35
N GLU A 26 -7.64 0.15 0.92
CA GLU A 26 -8.61 0.46 1.96
C GLU A 26 -8.16 1.65 2.78
N ARG A 27 -7.11 2.32 2.31
CA ARG A 27 -6.58 3.49 3.02
C ARG A 27 -6.87 4.77 2.24
N PRO A 28 -6.83 5.91 2.95
CA PRO A 28 -7.10 7.22 2.34
C PRO A 28 -5.99 7.66 1.39
N SER A 29 -4.75 7.55 1.85
CA SER A 29 -3.60 7.94 1.05
C SER A 29 -2.33 7.27 1.56
ZN ZN B . 0.80 -2.61 2.12
N SER A 1 9.39 2.15 -11.50
CA SER A 1 9.35 2.55 -10.09
C SER A 1 8.10 3.37 -9.79
N GLU A 2 7.09 2.73 -9.22
CA GLU A 2 5.85 3.40 -8.89
C GLU A 2 5.76 3.67 -7.39
N HIS A 3 6.32 4.80 -6.95
CA HIS A 3 6.30 5.17 -5.55
C HIS A 3 4.97 5.82 -5.17
N ARG A 4 4.38 6.54 -6.11
CA ARG A 4 3.11 7.21 -5.88
C ARG A 4 2.20 7.09 -7.10
N LYS A 5 2.36 6.01 -7.85
CA LYS A 5 1.55 5.76 -9.04
C LYS A 5 0.65 4.55 -8.85
N GLN A 6 1.18 3.53 -8.19
CA GLN A 6 0.42 2.30 -7.96
C GLN A 6 0.18 2.10 -6.46
N PRO A 7 -0.82 1.27 -6.14
CA PRO A 7 -1.18 0.98 -4.75
C PRO A 7 -0.13 0.14 -4.03
N CYS A 8 -0.44 -0.30 -2.82
CA CYS A 8 0.48 -1.12 -2.04
C CYS A 8 0.99 -2.30 -2.85
N PRO A 9 2.15 -2.84 -2.46
CA PRO A 9 2.77 -3.98 -3.14
C PRO A 9 2.00 -5.27 -2.93
N TYR A 10 1.40 -5.40 -1.74
CA TYR A 10 0.63 -6.60 -1.41
C TYR A 10 -0.82 -6.24 -1.12
N GLY A 11 -1.02 -5.10 -0.44
CA GLY A 11 -2.37 -4.67 -0.11
C GLY A 11 -3.09 -5.67 0.77
N LYS A 12 -4.07 -6.35 0.19
CA LYS A 12 -4.86 -7.33 0.92
C LYS A 12 -3.95 -8.34 1.62
N LYS A 13 -2.83 -8.65 0.98
CA LYS A 13 -1.87 -9.61 1.53
C LYS A 13 -0.93 -8.92 2.51
N CYS A 14 -0.74 -7.62 2.33
CA CYS A 14 0.13 -6.84 3.21
C CYS A 14 -0.22 -7.06 4.67
N THR A 15 0.78 -7.02 5.53
CA THR A 15 0.57 -7.21 6.96
C THR A 15 0.95 -5.95 7.75
N TYR A 16 1.80 -5.13 7.15
CA TYR A 16 2.24 -3.90 7.80
C TYR A 16 1.06 -2.96 8.06
N GLY A 17 0.32 -2.65 7.00
CA GLY A 17 -0.83 -1.77 7.14
C GLY A 17 -0.43 -0.32 7.29
N ILE A 18 0.20 0.01 8.41
CA ILE A 18 0.63 1.38 8.67
C ILE A 18 2.11 1.56 8.32
N LYS A 19 2.85 0.47 8.31
CA LYS A 19 4.27 0.50 7.98
C LYS A 19 4.51 0.26 6.50
N CYS A 20 3.46 -0.17 5.80
CA CYS A 20 3.53 -0.46 4.37
C CYS A 20 4.13 0.74 3.63
N ARG A 21 3.91 1.93 4.16
CA ARG A 21 4.43 3.14 3.53
C ARG A 21 3.87 3.33 2.13
N PHE A 22 2.74 2.68 1.86
CA PHE A 22 2.09 2.77 0.56
C PHE A 22 0.60 3.00 0.70
N PHE A 23 -0.07 3.25 -0.42
CA PHE A 23 -1.50 3.51 -0.43
C PHE A 23 -2.28 2.21 -0.63
N HIS A 24 -3.14 1.89 0.33
CA HIS A 24 -3.95 0.67 0.26
C HIS A 24 -5.22 0.91 -0.54
N PRO A 25 -5.78 -0.17 -1.10
CA PRO A 25 -7.02 -0.10 -1.89
C PRO A 25 -8.24 0.22 -1.04
N GLU A 26 -8.24 -0.26 0.20
CA GLU A 26 -9.35 -0.03 1.11
C GLU A 26 -8.96 0.99 2.19
N ARG A 27 -7.67 1.05 2.49
CA ARG A 27 -7.17 1.98 3.50
C ARG A 27 -6.23 3.01 2.88
N PRO A 28 -6.05 4.14 3.57
CA PRO A 28 -5.18 5.22 3.11
C PRO A 28 -3.70 4.84 3.16
N SER A 29 -2.83 5.82 2.95
CA SER A 29 -1.39 5.58 2.97
C SER A 29 -0.97 4.87 4.25
ZN ZN B . 0.25 -2.64 2.37
N SER A 1 8.55 3.13 -13.34
CA SER A 1 8.63 3.95 -12.14
C SER A 1 7.23 4.25 -11.60
N GLU A 2 6.62 3.26 -10.95
CA GLU A 2 5.29 3.43 -10.38
C GLU A 2 5.33 3.38 -8.86
N HIS A 3 6.34 4.01 -8.29
CA HIS A 3 6.49 4.05 -6.83
C HIS A 3 5.45 4.95 -6.20
N ARG A 4 4.99 5.93 -6.96
CA ARG A 4 3.99 6.87 -6.47
C ARG A 4 2.79 6.95 -7.42
N LYS A 5 2.55 5.86 -8.14
CA LYS A 5 1.45 5.81 -9.09
C LYS A 5 0.50 4.66 -8.74
N GLN A 6 1.05 3.45 -8.66
CA GLN A 6 0.26 2.27 -8.35
C GLN A 6 0.10 2.10 -6.83
N PRO A 7 -0.91 1.33 -6.43
CA PRO A 7 -1.19 1.08 -5.01
C PRO A 7 -0.12 0.21 -4.35
N CYS A 8 -0.38 -0.20 -3.11
CA CYS A 8 0.57 -1.04 -2.38
C CYS A 8 0.98 -2.26 -3.20
N PRO A 9 2.14 -2.84 -2.86
CA PRO A 9 2.66 -4.01 -3.56
C PRO A 9 1.84 -5.27 -3.28
N TYR A 10 1.32 -5.37 -2.06
CA TYR A 10 0.52 -6.53 -1.66
C TYR A 10 -0.89 -6.10 -1.26
N GLY A 11 -0.98 -5.03 -0.48
CA GLY A 11 -2.27 -4.53 -0.04
C GLY A 11 -2.92 -5.44 0.96
N LYS A 12 -3.79 -6.33 0.48
CA LYS A 12 -4.48 -7.27 1.35
C LYS A 12 -3.51 -8.29 1.95
N LYS A 13 -2.51 -8.68 1.16
CA LYS A 13 -1.51 -9.64 1.60
C LYS A 13 -0.40 -8.96 2.38
N CYS A 14 -0.31 -7.63 2.24
CA CYS A 14 0.72 -6.86 2.93
C CYS A 14 0.71 -7.16 4.43
N THR A 15 1.90 -7.22 5.01
CA THR A 15 2.03 -7.50 6.44
C THR A 15 1.90 -6.23 7.27
N TYR A 16 2.35 -5.10 6.70
CA TYR A 16 2.28 -3.82 7.39
C TYR A 16 0.84 -3.45 7.71
N GLY A 17 0.00 -3.38 6.68
CA GLY A 17 -1.39 -3.05 6.88
C GLY A 17 -1.59 -1.58 7.20
N ILE A 18 -1.33 -1.22 8.46
CA ILE A 18 -1.49 0.16 8.91
C ILE A 18 -0.15 0.89 8.89
N LYS A 19 0.94 0.13 8.96
CA LYS A 19 2.28 0.70 8.96
C LYS A 19 2.90 0.61 7.57
N CYS A 20 2.07 0.69 6.54
CA CYS A 20 2.54 0.61 5.17
C CYS A 20 2.82 2.00 4.61
N ARG A 21 3.95 2.13 3.93
CA ARG A 21 4.35 3.42 3.35
C ARG A 21 3.57 3.69 2.07
N PHE A 22 3.22 2.63 1.35
CA PHE A 22 2.48 2.76 0.11
C PHE A 22 1.00 3.02 0.39
N PHE A 23 0.24 3.29 -0.68
CA PHE A 23 -1.19 3.55 -0.55
C PHE A 23 -1.99 2.25 -0.59
N HIS A 24 -2.85 2.06 0.41
CA HIS A 24 -3.67 0.87 0.49
C HIS A 24 -5.07 1.13 -0.05
N PRO A 25 -5.74 0.07 -0.51
CA PRO A 25 -7.10 0.16 -1.07
C PRO A 25 -8.14 0.48 -0.01
N GLU A 26 -7.88 0.04 1.22
CA GLU A 26 -8.80 0.28 2.33
C GLU A 26 -8.25 1.34 3.28
N ARG A 27 -6.92 1.45 3.32
CA ARG A 27 -6.26 2.42 4.19
C ARG A 27 -5.73 3.60 3.38
N PRO A 28 -5.66 4.77 4.02
CA PRO A 28 -5.17 6.00 3.38
C PRO A 28 -3.67 5.94 3.10
N SER A 29 -3.08 7.09 2.78
CA SER A 29 -1.65 7.17 2.49
C SER A 29 -1.30 6.37 1.24
ZN ZN B . 0.93 -2.39 2.14
#